data_7PZN
#
_entry.id   7PZN
#
_cell.length_a   1.00
_cell.length_b   1.00
_cell.length_c   1.00
_cell.angle_alpha   90.00
_cell.angle_beta   90.00
_cell.angle_gamma   90.00
#
_symmetry.space_group_name_H-M   'P 1'
#
loop_
_entity.id
_entity.type
_entity.pdbx_description
1 polymer 'Capsid protein'
2 polymer 'SLLGRM, modelled as poly-A,SLLGRM, modelled as poly-A'
3 non-polymer 'FRAGMENT OF TRITON X-100'
#
loop_
_entity_poly.entity_id
_entity_poly.type
_entity_poly.pdbx_seq_one_letter_code
_entity_poly.pdbx_strand_id
1 'polypeptide(L)'
;MDIDPYKEFGATVELLSFLPSDFFPSVRDLLDTASALYREALESPEHCSPHHTALRQAILCWGELMTLATWVGVNLEDPA
SRDLVVSYVNTNMGLKFRQLLWFHISCLTFGRETVIEYLVSFGVWIRTPPAYRPPNAPILSTLPETTVVRRRGRSPRRRT
PSPRRRRSQSPRRRRSQSRESQC
;
B,A,C,D
2 'polypeptide(L)' (UNK)(UNK)(UNK)(UNK)SLLGRM M
#
# COMPACT_ATOMS: atom_id res chain seq x y z
N MET A 1 18.10 -31.73 3.26
CA MET A 1 17.28 -32.36 2.19
C MET A 1 17.82 -32.00 0.82
N ASP A 2 18.80 -31.10 0.77
CA ASP A 2 19.48 -30.73 -0.47
C ASP A 2 18.49 -30.15 -1.48
N ILE A 3 17.90 -29.03 -1.11
CA ILE A 3 16.92 -28.34 -1.95
C ILE A 3 17.57 -27.14 -2.61
N ASP A 4 17.30 -26.97 -3.90
CA ASP A 4 17.73 -25.80 -4.66
C ASP A 4 16.51 -24.95 -4.96
N PRO A 5 16.42 -23.72 -4.44
CA PRO A 5 15.18 -22.94 -4.60
C PRO A 5 14.87 -22.51 -6.02
N TYR A 6 15.73 -22.81 -6.99
CA TYR A 6 15.49 -22.45 -8.38
C TYR A 6 15.34 -23.65 -9.29
N LYS A 7 15.74 -24.83 -8.84
CA LYS A 7 15.61 -26.05 -9.64
C LYS A 7 14.16 -26.27 -10.05
N GLU A 8 13.23 -25.74 -9.27
CA GLU A 8 11.82 -25.83 -9.59
C GLU A 8 11.43 -24.90 -10.71
N PHE A 9 12.16 -23.81 -10.90
CA PHE A 9 11.87 -22.82 -11.92
C PHE A 9 12.81 -22.89 -13.11
N GLY A 10 13.71 -23.87 -13.14
CA GLY A 10 14.56 -24.08 -14.28
C GLY A 10 15.93 -23.47 -14.19
N ALA A 11 16.34 -23.04 -13.00
CA ALA A 11 17.64 -22.42 -12.82
C ALA A 11 18.40 -23.16 -11.73
N THR A 12 19.50 -22.58 -11.28
CA THR A 12 20.33 -23.20 -10.26
C THR A 12 21.11 -22.11 -9.54
N VAL A 13 21.72 -22.50 -8.42
CA VAL A 13 22.59 -21.58 -7.71
C VAL A 13 23.87 -21.35 -8.48
N GLU A 14 24.38 -22.39 -9.14
CA GLU A 14 25.59 -22.24 -9.93
C GLU A 14 25.42 -21.22 -11.05
N LEU A 15 24.18 -21.00 -11.49
CA LEU A 15 23.90 -20.05 -12.54
C LEU A 15 23.69 -18.64 -12.02
N LEU A 16 23.51 -18.48 -10.71
CA LEU A 16 23.35 -17.19 -10.09
C LEU A 16 24.51 -16.85 -9.16
N SER A 17 25.50 -17.73 -9.05
CA SER A 17 26.69 -17.43 -8.30
C SER A 17 27.57 -16.40 -9.01
N PHE A 18 27.35 -16.20 -10.30
CA PHE A 18 28.16 -15.26 -11.06
C PHE A 18 27.74 -13.83 -10.80
N LEU A 19 26.44 -13.59 -10.73
CA LEU A 19 25.92 -12.29 -10.34
C LEU A 19 26.61 -11.84 -9.05
N PRO A 20 27.23 -10.67 -9.03
CA PRO A 20 27.91 -10.23 -7.81
C PRO A 20 26.94 -9.70 -6.76
N SER A 21 27.50 -9.16 -5.68
CA SER A 21 26.69 -8.51 -4.66
C SER A 21 26.21 -7.14 -5.11
N ASP A 22 27.08 -6.39 -5.79
CA ASP A 22 26.72 -5.06 -6.26
C ASP A 22 25.67 -5.08 -7.36
N PHE A 23 25.20 -6.26 -7.75
CA PHE A 23 24.18 -6.37 -8.77
C PHE A 23 22.77 -6.32 -8.22
N PHE A 24 22.59 -6.64 -6.98
CA PHE A 24 21.28 -6.88 -6.44
C PHE A 24 20.81 -5.68 -5.66
N PRO A 25 19.64 -5.13 -5.97
CA PRO A 25 19.15 -3.99 -5.21
C PRO A 25 19.00 -4.33 -3.75
N SER A 26 18.82 -3.29 -2.94
CA SER A 26 18.71 -3.49 -1.51
C SER A 26 17.41 -4.20 -1.18
N VAL A 27 17.38 -4.75 0.04
CA VAL A 27 16.19 -5.46 0.50
C VAL A 27 14.99 -4.53 0.50
N ARG A 28 15.19 -3.31 1.01
CA ARG A 28 14.09 -2.35 1.03
C ARG A 28 13.56 -2.08 -0.36
N ASP A 29 14.47 -1.91 -1.32
CA ASP A 29 14.06 -1.59 -2.68
C ASP A 29 13.29 -2.75 -3.30
N LEU A 30 13.75 -3.98 -3.10
CA LEU A 30 13.05 -5.12 -3.68
C LEU A 30 11.71 -5.35 -3.00
N LEU A 31 11.63 -5.10 -1.70
CA LEU A 31 10.36 -5.25 -1.01
C LEU A 31 9.36 -4.20 -1.49
N ASP A 32 9.80 -2.96 -1.66
CA ASP A 32 8.92 -1.93 -2.21
C ASP A 32 8.49 -2.28 -3.62
N THR A 33 9.41 -2.83 -4.42
CA THR A 33 9.06 -3.26 -5.77
C THR A 33 7.94 -4.28 -5.74
N ALA A 34 8.09 -5.33 -4.92
CA ALA A 34 7.06 -6.34 -4.82
C ALA A 34 5.76 -5.74 -4.32
N SER A 35 5.82 -4.94 -3.26
CA SER A 35 4.61 -4.35 -2.71
C SER A 35 3.88 -3.50 -3.72
N ALA A 36 4.61 -2.86 -4.63
CA ALA A 36 4.00 -1.97 -5.59
C ALA A 36 3.50 -2.68 -6.83
N LEU A 37 4.10 -3.81 -7.18
CA LEU A 37 3.75 -4.50 -8.41
C LEU A 37 2.85 -5.69 -8.21
N TYR A 38 2.87 -6.32 -7.04
CA TYR A 38 2.23 -7.62 -6.85
C TYR A 38 1.55 -7.75 -5.49
N ARG A 39 1.20 -6.64 -4.83
CA ARG A 39 0.62 -6.75 -3.50
C ARG A 39 -0.78 -7.36 -3.55
N GLU A 40 -1.62 -6.89 -4.48
CA GLU A 40 -2.97 -7.39 -4.58
C GLU A 40 -3.02 -8.85 -5.01
N ALA A 41 -1.87 -9.44 -5.35
CA ALA A 41 -1.80 -10.84 -5.73
C ALA A 41 -1.01 -11.68 -4.75
N LEU A 42 -0.13 -11.08 -3.96
CA LEU A 42 0.53 -11.78 -2.87
C LEU A 42 -0.35 -11.85 -1.64
N GLU A 43 -1.20 -10.85 -1.44
CA GLU A 43 -2.18 -10.85 -0.37
C GLU A 43 -3.47 -11.54 -0.76
N SER A 44 -3.49 -12.19 -1.91
CA SER A 44 -4.69 -12.78 -2.47
C SER A 44 -4.82 -14.24 -2.08
N PRO A 45 -6.04 -14.77 -2.10
CA PRO A 45 -6.25 -16.18 -1.77
C PRO A 45 -6.12 -17.12 -2.96
N GLU A 46 -5.49 -16.67 -4.04
CA GLU A 46 -5.31 -17.49 -5.21
C GLU A 46 -3.89 -18.06 -5.27
N HIS A 47 -3.75 -19.16 -5.99
CA HIS A 47 -2.44 -19.75 -6.28
C HIS A 47 -1.88 -19.14 -7.56
N CYS A 48 -1.72 -17.82 -7.51
CA CYS A 48 -1.47 -17.06 -8.74
C CYS A 48 -0.27 -17.60 -9.49
N SER A 49 0.75 -18.08 -8.79
CA SER A 49 1.91 -18.67 -9.44
C SER A 49 2.90 -19.23 -8.43
N PRO A 50 3.75 -20.16 -8.85
CA PRO A 50 4.86 -20.59 -8.01
C PRO A 50 5.69 -19.45 -7.49
N HIS A 51 5.94 -18.45 -8.34
CA HIS A 51 6.73 -17.30 -7.91
C HIS A 51 6.01 -16.55 -6.81
N HIS A 52 4.68 -16.44 -6.91
CA HIS A 52 3.92 -15.77 -5.88
C HIS A 52 4.02 -16.53 -4.56
N THR A 53 3.83 -17.85 -4.61
CA THR A 53 3.95 -18.67 -3.41
C THR A 53 5.32 -18.49 -2.76
N ALA A 54 6.38 -18.62 -3.56
CA ALA A 54 7.73 -18.51 -3.03
C ALA A 54 8.00 -17.14 -2.45
N LEU A 55 7.52 -16.09 -3.13
CA LEU A 55 7.68 -14.74 -2.62
C LEU A 55 7.00 -14.59 -1.27
N ARG A 56 5.78 -15.09 -1.17
CA ARG A 56 5.05 -15.04 0.09
C ARG A 56 5.88 -15.68 1.21
N GLN A 57 6.37 -16.89 0.97
CA GLN A 57 7.08 -17.58 2.04
C GLN A 57 8.39 -16.89 2.39
N ALA A 58 9.11 -16.39 1.39
CA ALA A 58 10.38 -15.73 1.64
C ALA A 58 10.18 -14.43 2.40
N ILE A 59 9.13 -13.68 2.07
CA ILE A 59 8.83 -12.46 2.79
C ILE A 59 8.45 -12.77 4.22
N LEU A 60 7.72 -13.86 4.45
CA LEU A 60 7.44 -14.28 5.83
C LEU A 60 8.73 -14.58 6.58
N CYS A 61 9.62 -15.35 5.97
CA CYS A 61 10.91 -15.64 6.58
C CYS A 61 11.62 -14.35 6.97
N TRP A 62 11.69 -13.40 6.03
CA TRP A 62 12.42 -12.17 6.28
C TRP A 62 11.77 -11.36 7.39
N GLY A 63 10.44 -11.31 7.42
CA GLY A 63 9.76 -10.61 8.48
C GLY A 63 10.06 -11.20 9.85
N GLU A 64 10.06 -12.53 9.93
CA GLU A 64 10.38 -13.16 11.20
C GLU A 64 11.83 -12.93 11.59
N LEU A 65 12.73 -12.84 10.62
CA LEU A 65 14.12 -12.56 10.92
C LEU A 65 14.30 -11.12 11.42
N MET A 66 13.54 -10.19 10.85
CA MET A 66 13.58 -8.83 11.35
C MET A 66 13.03 -8.75 12.77
N THR A 67 11.95 -9.47 13.03
CA THR A 67 11.46 -9.59 14.40
C THR A 67 12.53 -10.13 15.33
N LEU A 68 13.29 -11.12 14.86
CA LEU A 68 14.39 -11.67 15.65
C LEU A 68 15.43 -10.61 15.93
N ALA A 69 15.80 -9.83 14.92
CA ALA A 69 16.83 -8.82 15.10
C ALA A 69 16.38 -7.75 16.08
N THR A 70 15.10 -7.39 16.03
CA THR A 70 14.55 -6.46 17.00
C THR A 70 14.64 -7.04 18.41
N TRP A 71 14.15 -8.26 18.59
CA TRP A 71 14.25 -8.93 19.88
C TRP A 71 15.68 -8.99 20.36
N VAL A 72 16.63 -9.15 19.45
CA VAL A 72 18.04 -9.15 19.82
C VAL A 72 18.43 -7.79 20.37
N GLY A 73 18.23 -6.76 19.59
CA GLY A 73 18.53 -5.41 20.04
C GLY A 73 17.91 -5.09 21.39
N VAL A 74 16.80 -5.75 21.71
CA VAL A 74 16.10 -5.45 22.95
C VAL A 74 16.53 -6.33 24.13
N ASN A 75 16.96 -7.56 23.86
CA ASN A 75 17.19 -8.54 24.91
C ASN A 75 18.64 -9.02 24.98
N LEU A 76 19.55 -8.37 24.25
CA LEU A 76 20.97 -8.68 24.33
C LEU A 76 21.71 -7.44 24.80
N GLU A 77 22.11 -7.45 26.07
CA GLU A 77 22.84 -6.35 26.67
C GLU A 77 24.33 -6.37 26.34
N ASP A 78 24.74 -7.17 25.35
CA ASP A 78 26.13 -7.23 24.89
C ASP A 78 26.21 -6.57 23.52
N PRO A 79 26.39 -5.25 23.44
CA PRO A 79 26.41 -4.57 22.15
C PRO A 79 27.18 -5.32 21.07
N ALA A 80 28.30 -5.93 21.43
CA ALA A 80 29.10 -6.63 20.45
C ALA A 80 28.31 -7.77 19.82
N SER A 81 27.88 -8.72 20.66
CA SER A 81 27.11 -9.85 20.14
C SER A 81 25.86 -9.38 19.42
N ARG A 82 25.15 -8.41 19.99
CA ARG A 82 23.94 -7.89 19.37
C ARG A 82 24.21 -7.41 17.94
N ASP A 83 25.14 -6.47 17.79
CA ASP A 83 25.41 -5.91 16.47
C ASP A 83 25.97 -6.96 15.53
N LEU A 84 26.75 -7.91 16.06
CA LEU A 84 27.31 -8.94 15.20
C LEU A 84 26.22 -9.86 14.65
N VAL A 85 25.25 -10.22 15.50
CA VAL A 85 24.13 -11.03 15.04
C VAL A 85 23.33 -10.27 14.00
N VAL A 86 23.03 -9.00 14.28
CA VAL A 86 22.21 -8.23 13.35
C VAL A 86 22.93 -8.09 12.01
N SER A 87 24.24 -7.86 12.04
CA SER A 87 24.99 -7.69 10.80
C SER A 87 25.08 -9.01 10.04
N TYR A 88 25.30 -10.11 10.74
CA TYR A 88 25.27 -11.41 10.07
C TYR A 88 23.96 -11.61 9.36
N VAL A 89 22.85 -11.43 10.08
CA VAL A 89 21.53 -11.57 9.48
C VAL A 89 21.45 -10.72 8.22
N ASN A 90 21.57 -9.40 8.39
CA ASN A 90 21.40 -8.51 7.26
C ASN A 90 22.29 -8.93 6.10
N THR A 91 23.60 -8.92 6.29
CA THR A 91 24.50 -9.21 5.18
C THR A 91 24.17 -10.55 4.52
N ASN A 92 24.38 -11.66 5.23
CA ASN A 92 24.26 -12.96 4.59
C ASN A 92 22.83 -13.24 4.12
N MET A 93 21.89 -13.23 5.06
CA MET A 93 20.53 -13.62 4.74
C MET A 93 19.90 -12.67 3.74
N GLY A 94 20.17 -11.36 3.87
CA GLY A 94 19.62 -10.42 2.92
C GLY A 94 20.26 -10.53 1.56
N LEU A 95 21.52 -10.97 1.49
CA LEU A 95 22.10 -11.25 0.19
C LEU A 95 21.36 -12.38 -0.51
N LYS A 96 21.18 -13.50 0.21
CA LYS A 96 20.39 -14.59 -0.35
C LYS A 96 18.98 -14.14 -0.71
N PHE A 97 18.38 -13.33 0.17
CA PHE A 97 17.02 -12.86 -0.03
C PHE A 97 16.91 -11.95 -1.24
N ARG A 98 17.88 -11.07 -1.44
CA ARG A 98 17.89 -10.22 -2.61
C ARG A 98 18.05 -11.04 -3.87
N GLN A 99 18.95 -12.02 -3.84
CA GLN A 99 19.10 -12.95 -4.95
C GLN A 99 17.76 -13.55 -5.34
N LEU A 100 17.04 -14.12 -4.37
CA LEU A 100 15.81 -14.84 -4.67
C LEU A 100 14.70 -13.89 -5.09
N LEU A 101 14.52 -12.79 -4.36
CA LEU A 101 13.55 -11.78 -4.74
C LEU A 101 13.79 -11.29 -6.16
N TRP A 102 15.04 -11.03 -6.50
CA TRP A 102 15.36 -10.59 -7.84
C TRP A 102 14.98 -11.66 -8.86
N PHE A 103 15.37 -12.90 -8.62
CA PHE A 103 15.01 -13.96 -9.56
C PHE A 103 13.51 -13.96 -9.82
N HIS A 104 12.72 -13.88 -8.74
CA HIS A 104 11.29 -14.06 -8.90
C HIS A 104 10.64 -12.85 -9.57
N ILE A 105 10.96 -11.65 -9.09
CA ILE A 105 10.42 -10.44 -9.68
C ILE A 105 10.81 -10.36 -11.15
N SER A 106 12.09 -10.59 -11.44
CA SER A 106 12.57 -10.53 -12.81
C SER A 106 11.87 -11.55 -13.69
N CYS A 107 11.63 -12.77 -13.18
CA CYS A 107 10.92 -13.74 -14.00
C CYS A 107 9.50 -13.27 -14.27
N LEU A 108 8.75 -12.98 -13.20
CA LEU A 108 7.39 -12.48 -13.36
C LEU A 108 7.32 -11.29 -14.29
N THR A 109 8.38 -10.50 -14.36
CA THR A 109 8.40 -9.26 -15.14
C THR A 109 8.78 -9.47 -16.60
N PHE A 110 9.75 -10.33 -16.89
CA PHE A 110 10.28 -10.48 -18.23
C PHE A 110 9.98 -11.83 -18.86
N GLY A 111 10.09 -12.91 -18.10
CA GLY A 111 9.98 -14.24 -18.65
C GLY A 111 11.11 -15.15 -18.19
N ARG A 112 10.77 -16.42 -17.96
CA ARG A 112 11.76 -17.39 -17.52
C ARG A 112 12.91 -17.50 -18.52
N GLU A 113 12.56 -17.62 -19.81
CA GLU A 113 13.58 -17.77 -20.84
C GLU A 113 14.46 -16.54 -20.90
N THR A 114 13.85 -15.36 -20.84
CA THR A 114 14.63 -14.13 -20.88
C THR A 114 15.59 -14.05 -19.70
N VAL A 115 15.11 -14.38 -18.51
CA VAL A 115 15.96 -14.27 -17.33
C VAL A 115 17.10 -15.28 -17.41
N ILE A 116 16.85 -16.46 -17.95
CA ILE A 116 17.90 -17.46 -18.00
C ILE A 116 18.93 -17.11 -19.08
N GLU A 117 18.47 -16.67 -20.25
CA GLU A 117 19.40 -16.21 -21.26
C GLU A 117 20.23 -15.04 -20.74
N TYR A 118 19.61 -14.15 -19.97
CA TYR A 118 20.35 -13.05 -19.40
C TYR A 118 21.39 -13.54 -18.40
N LEU A 119 21.07 -14.58 -17.65
CA LEU A 119 22.04 -15.11 -16.70
C LEU A 119 23.21 -15.74 -17.43
N VAL A 120 22.93 -16.47 -18.51
CA VAL A 120 24.00 -17.04 -19.32
C VAL A 120 24.91 -15.95 -19.85
N SER A 121 24.32 -14.90 -20.40
CA SER A 121 25.10 -13.83 -21.00
C SER A 121 25.90 -13.06 -19.95
N PHE A 122 25.27 -12.75 -18.81
CA PHE A 122 26.01 -12.10 -17.74
C PHE A 122 27.15 -12.98 -17.24
N GLY A 123 26.96 -14.30 -17.22
CA GLY A 123 28.05 -15.17 -16.83
C GLY A 123 29.19 -15.11 -17.82
N VAL A 124 28.87 -15.20 -19.12
CA VAL A 124 29.88 -15.03 -20.14
C VAL A 124 30.66 -13.74 -19.91
N TRP A 125 29.94 -12.66 -19.61
CA TRP A 125 30.57 -11.36 -19.49
C TRP A 125 31.44 -11.26 -18.24
N ILE A 126 30.99 -11.84 -17.14
CA ILE A 126 31.70 -11.71 -15.88
C ILE A 126 32.85 -12.69 -15.74
N ARG A 127 32.84 -13.78 -16.51
CA ARG A 127 34.03 -14.64 -16.57
C ARG A 127 35.13 -14.00 -17.39
N THR A 128 34.78 -13.37 -18.51
CA THR A 128 35.75 -12.63 -19.30
C THR A 128 36.50 -11.65 -18.40
N PRO A 129 37.83 -11.64 -18.43
CA PRO A 129 38.55 -10.65 -17.65
C PRO A 129 38.33 -9.24 -18.17
N PRO A 130 38.57 -8.23 -17.35
CA PRO A 130 38.27 -6.85 -17.76
C PRO A 130 39.00 -6.43 -19.01
N ALA A 131 40.19 -6.97 -19.25
CA ALA A 131 40.97 -6.55 -20.41
C ALA A 131 40.35 -7.01 -21.72
N TYR A 132 39.35 -7.89 -21.68
CA TYR A 132 38.73 -8.40 -22.88
C TYR A 132 37.21 -8.37 -22.83
N ARG A 133 36.63 -7.93 -21.73
CA ARG A 133 35.18 -7.76 -21.73
C ARG A 133 34.83 -6.29 -21.86
N PRO A 134 33.73 -5.99 -22.55
CA PRO A 134 33.24 -4.63 -22.59
C PRO A 134 33.03 -4.09 -21.19
N PRO A 135 32.97 -2.78 -21.04
CA PRO A 135 32.79 -2.20 -19.70
C PRO A 135 31.33 -2.12 -19.31
N ASN A 136 30.46 -2.03 -20.31
CA ASN A 136 29.03 -1.89 -20.08
C ASN A 136 28.40 -3.28 -20.08
N ALA A 137 27.94 -3.70 -18.92
CA ALA A 137 27.40 -5.02 -18.74
C ALA A 137 26.10 -5.19 -19.51
N PRO A 138 25.61 -6.42 -19.63
CA PRO A 138 24.26 -6.64 -20.15
C PRO A 138 23.23 -6.05 -19.21
N ILE A 139 22.02 -5.91 -19.72
CA ILE A 139 21.01 -5.14 -19.00
C ILE A 139 19.64 -5.75 -19.21
N LEU A 140 18.97 -6.06 -18.11
CA LEU A 140 17.60 -6.52 -18.10
C LEU A 140 16.71 -5.33 -17.79
N SER A 141 15.88 -4.94 -18.74
CA SER A 141 15.12 -3.71 -18.58
C SER A 141 13.88 -3.75 -19.46
N THR A 142 12.78 -3.23 -18.91
CA THR A 142 11.56 -3.05 -19.70
C THR A 142 11.70 -1.88 -20.67
N LEU A 143 12.53 -0.91 -20.32
CA LEU A 143 12.70 0.26 -21.16
C LEU A 143 13.60 -0.06 -22.35
N MET B 1 3.47 -5.17 3.21
CA MET B 1 2.69 -6.41 2.92
C MET B 1 2.45 -7.23 4.18
N ASP B 2 1.19 -7.52 4.46
CA ASP B 2 0.79 -8.47 5.48
C ASP B 2 0.23 -9.70 4.76
N ILE B 3 0.89 -10.83 4.94
CA ILE B 3 0.63 -12.02 4.15
C ILE B 3 0.23 -13.16 5.08
N ASP B 4 -0.70 -13.98 4.61
CA ASP B 4 -1.16 -15.15 5.35
C ASP B 4 -0.69 -16.39 4.64
N PRO B 5 0.19 -17.20 5.24
CA PRO B 5 0.73 -18.36 4.53
C PRO B 5 -0.28 -19.46 4.26
N TYR B 6 -1.52 -19.30 4.72
CA TYR B 6 -2.55 -20.31 4.58
C TYR B 6 -3.73 -19.85 3.75
N LYS B 7 -3.79 -18.57 3.40
CA LYS B 7 -4.96 -18.01 2.73
C LYS B 7 -5.07 -18.48 1.29
N GLU B 8 -3.94 -18.75 0.64
CA GLU B 8 -3.98 -19.30 -0.71
C GLU B 8 -4.28 -20.78 -0.73
N PHE B 9 -4.24 -21.44 0.41
CA PHE B 9 -4.55 -22.85 0.51
C PHE B 9 -5.95 -23.12 1.05
N GLY B 10 -6.54 -22.15 1.75
CA GLY B 10 -7.94 -22.23 2.09
C GLY B 10 -8.19 -22.14 3.57
N ALA B 11 -7.20 -21.59 4.29
CA ALA B 11 -7.30 -21.46 5.73
C ALA B 11 -6.90 -20.06 6.16
N THR B 12 -6.75 -19.87 7.47
CA THR B 12 -6.44 -18.56 8.02
C THR B 12 -5.85 -18.77 9.41
N VAL B 13 -4.89 -17.91 9.74
CA VAL B 13 -4.25 -17.93 11.04
C VAL B 13 -5.29 -18.09 12.14
N GLU B 14 -6.39 -17.34 12.03
CA GLU B 14 -7.45 -17.42 13.03
C GLU B 14 -8.11 -18.79 13.04
N LEU B 15 -7.87 -19.62 12.03
CA LEU B 15 -8.41 -20.97 12.03
C LEU B 15 -7.44 -21.98 12.63
N LEU B 16 -6.16 -21.90 12.30
CA LEU B 16 -5.19 -22.78 12.92
C LEU B 16 -4.88 -22.40 14.35
N SER B 17 -5.39 -21.27 14.83
CA SER B 17 -5.26 -20.94 16.24
C SER B 17 -6.20 -21.76 17.10
N PHE B 18 -7.08 -22.55 16.48
CA PHE B 18 -7.90 -23.50 17.22
C PHE B 18 -7.05 -24.55 17.90
N LEU B 19 -5.84 -24.77 17.41
CA LEU B 19 -4.96 -25.81 17.90
C LEU B 19 -3.91 -25.21 18.82
N PRO B 20 -3.72 -25.75 20.02
CA PRO B 20 -2.73 -25.17 20.94
C PRO B 20 -1.32 -25.28 20.38
N SER B 21 -0.41 -24.56 21.04
CA SER B 21 0.99 -24.59 20.62
C SER B 21 1.63 -25.92 20.93
N ASP B 22 1.20 -26.60 22.00
CA ASP B 22 1.73 -27.89 22.39
C ASP B 22 1.05 -29.03 21.66
N PHE B 23 0.34 -28.75 20.58
CA PHE B 23 -0.25 -29.79 19.76
C PHE B 23 0.65 -30.24 18.64
N PHE B 24 1.54 -29.37 18.18
CA PHE B 24 2.25 -29.70 16.95
C PHE B 24 3.49 -30.51 17.27
N PRO B 25 3.80 -31.49 16.45
CA PRO B 25 4.94 -32.36 16.74
C PRO B 25 6.26 -31.60 16.74
N SER B 26 7.34 -32.32 17.02
CA SER B 26 8.65 -31.72 16.97
C SER B 26 9.06 -31.44 15.53
N VAL B 27 9.91 -30.42 15.36
CA VAL B 27 10.45 -30.13 14.04
C VAL B 27 11.23 -31.34 13.54
N ARG B 28 11.95 -32.00 14.43
CA ARG B 28 12.62 -33.25 14.10
C ARG B 28 11.65 -34.24 13.45
N ASP B 29 10.53 -34.52 14.11
CA ASP B 29 9.59 -35.52 13.61
C ASP B 29 8.98 -35.08 12.29
N LEU B 30 8.64 -33.80 12.18
CA LEU B 30 8.01 -33.33 10.95
C LEU B 30 8.96 -33.41 9.78
N LEU B 31 10.22 -33.08 9.99
CA LEU B 31 11.20 -33.19 8.92
C LEU B 31 11.46 -34.63 8.55
N ASP B 32 11.53 -35.52 9.54
CA ASP B 32 11.65 -36.95 9.24
C ASP B 32 10.50 -37.41 8.35
N THR B 33 9.27 -37.04 8.73
CA THR B 33 8.11 -37.40 7.93
C THR B 33 8.20 -36.85 6.52
N ALA B 34 8.49 -35.55 6.40
CA ALA B 34 8.56 -34.94 5.08
C ALA B 34 9.60 -35.61 4.22
N SER B 35 10.77 -35.91 4.79
CA SER B 35 11.78 -36.63 4.04
C SER B 35 11.20 -37.94 3.56
N ALA B 36 10.86 -38.82 4.49
CA ALA B 36 10.40 -40.16 4.15
C ALA B 36 9.32 -40.15 3.08
N LEU B 37 8.45 -39.14 3.10
CA LEU B 37 7.26 -39.18 2.26
C LEU B 37 7.36 -38.38 0.97
N TYR B 38 8.12 -37.28 0.94
CA TYR B 38 8.17 -36.41 -0.23
C TYR B 38 9.58 -35.90 -0.51
N ARG B 39 10.61 -36.67 -0.18
CA ARG B 39 11.97 -36.20 -0.47
C ARG B 39 12.22 -36.16 -1.97
N GLU B 40 11.85 -37.23 -2.68
CA GLU B 40 12.09 -37.29 -4.11
C GLU B 40 11.36 -36.21 -4.87
N ALA B 41 10.36 -35.58 -4.22
CA ALA B 41 9.59 -34.51 -4.82
C ALA B 41 10.08 -33.13 -4.42
N LEU B 42 10.37 -32.91 -3.14
CA LEU B 42 10.95 -31.65 -2.73
C LEU B 42 12.33 -31.45 -3.32
N GLU B 43 12.98 -32.53 -3.75
CA GLU B 43 14.24 -32.44 -4.49
C GLU B 43 14.01 -32.43 -5.99
N SER B 44 12.78 -32.33 -6.43
CA SER B 44 12.44 -32.44 -7.83
C SER B 44 12.53 -31.09 -8.53
N PRO B 45 12.75 -31.10 -9.83
CA PRO B 45 12.69 -29.87 -10.64
C PRO B 45 11.31 -29.60 -11.22
N GLU B 46 10.30 -29.61 -10.36
CA GLU B 46 8.92 -29.54 -10.82
C GLU B 46 8.08 -28.76 -9.82
N HIS B 47 7.13 -27.98 -10.32
CA HIS B 47 6.12 -27.34 -9.48
C HIS B 47 5.07 -28.40 -9.16
N CYS B 48 5.51 -29.41 -8.41
CA CYS B 48 4.62 -30.53 -8.13
C CYS B 48 3.37 -30.05 -7.41
N SER B 49 3.49 -29.02 -6.59
CA SER B 49 2.35 -28.47 -5.88
C SER B 49 2.75 -27.25 -5.08
N PRO B 50 1.80 -26.34 -4.83
CA PRO B 50 2.08 -25.20 -3.95
C PRO B 50 2.57 -25.60 -2.59
N HIS B 51 2.07 -26.71 -2.04
CA HIS B 51 2.58 -27.22 -0.78
C HIS B 51 4.05 -27.56 -0.90
N HIS B 52 4.44 -28.16 -2.02
CA HIS B 52 5.84 -28.51 -2.23
C HIS B 52 6.70 -27.26 -2.28
N THR B 53 6.25 -26.25 -3.04
CA THR B 53 6.99 -25.00 -3.13
C THR B 53 7.17 -24.36 -1.76
N ALA B 54 6.07 -24.22 -1.03
CA ALA B 54 6.12 -23.60 0.28
C ALA B 54 7.02 -24.37 1.23
N LEU B 55 6.97 -25.69 1.16
CA LEU B 55 7.82 -26.50 2.02
C LEU B 55 9.28 -26.30 1.68
N ARG B 56 9.62 -26.28 0.39
CA ARG B 56 10.98 -25.98 -0.01
C ARG B 56 11.46 -24.68 0.61
N GLN B 57 10.69 -23.61 0.43
CA GLN B 57 11.13 -22.31 0.94
C GLN B 57 11.28 -22.33 2.46
N ALA B 58 10.32 -22.96 3.15
CA ALA B 58 10.37 -23.01 4.61
C ALA B 58 11.56 -23.79 5.10
N ILE B 59 11.86 -24.92 4.47
CA ILE B 59 13.00 -25.72 4.90
C ILE B 59 14.30 -25.01 4.62
N LEU B 60 14.35 -24.26 3.52
CA LEU B 60 15.54 -23.44 3.26
C LEU B 60 15.73 -22.39 4.34
N CYS B 61 14.65 -21.73 4.75
CA CYS B 61 14.77 -20.72 5.80
C CYS B 61 15.18 -21.36 7.12
N TRP B 62 14.64 -22.53 7.42
CA TRP B 62 15.01 -23.23 8.64
C TRP B 62 16.48 -23.65 8.60
N GLY B 63 16.96 -24.08 7.44
CA GLY B 63 18.36 -24.41 7.31
C GLY B 63 19.27 -23.21 7.52
N GLU B 64 18.86 -22.06 6.99
CA GLU B 64 19.63 -20.84 7.22
C GLU B 64 19.61 -20.46 8.69
N LEU B 65 18.51 -20.72 9.39
CA LEU B 65 18.47 -20.43 10.82
C LEU B 65 19.35 -21.38 11.60
N MET B 66 19.39 -22.65 11.20
CA MET B 66 20.29 -23.60 11.85
C MET B 66 21.73 -23.17 11.66
N THR B 67 22.07 -22.74 10.44
CA THR B 67 23.42 -22.25 10.18
C THR B 67 23.71 -21.02 11.03
N LEU B 68 22.74 -20.13 11.18
CA LEU B 68 22.90 -18.99 12.07
C LEU B 68 23.20 -19.43 13.49
N ALA B 69 22.44 -20.41 13.98
CA ALA B 69 22.60 -20.84 15.37
C ALA B 69 23.97 -21.46 15.59
N THR B 70 24.45 -22.24 14.61
CA THR B 70 25.79 -22.81 14.72
C THR B 70 26.84 -21.70 14.69
N TRP B 71 26.70 -20.75 13.76
CA TRP B 71 27.61 -19.62 13.69
C TRP B 71 27.68 -18.90 15.03
N VAL B 72 26.54 -18.72 15.67
CA VAL B 72 26.52 -18.10 16.99
C VAL B 72 27.27 -18.96 17.98
N GLY B 73 26.91 -20.24 18.07
CA GLY B 73 27.52 -21.12 19.04
C GLY B 73 29.03 -21.15 18.94
N VAL B 74 29.57 -20.97 17.74
CA VAL B 74 31.02 -20.99 17.57
C VAL B 74 31.64 -19.62 17.77
N ASN B 75 30.97 -18.56 17.33
CA ASN B 75 31.57 -17.22 17.38
C ASN B 75 31.37 -16.57 18.74
N LEU B 76 30.13 -16.37 19.14
CA LEU B 76 29.82 -15.58 20.33
C LEU B 76 30.27 -16.34 21.57
N GLU B 77 31.26 -15.78 22.27
CA GLU B 77 31.70 -16.38 23.52
C GLU B 77 30.64 -16.20 24.61
N ASP B 78 29.96 -15.06 24.62
CA ASP B 78 28.97 -14.76 25.65
C ASP B 78 27.93 -15.86 25.72
N PRO B 79 27.96 -16.70 26.77
CA PRO B 79 27.01 -17.82 26.82
C PRO B 79 25.57 -17.38 26.95
N ALA B 80 25.30 -16.35 27.75
CA ALA B 80 23.93 -15.86 27.88
C ALA B 80 23.37 -15.48 26.53
N SER B 81 24.14 -14.72 25.75
CA SER B 81 23.67 -14.28 24.44
C SER B 81 23.48 -15.46 23.50
N ARG B 82 24.48 -16.33 23.43
CA ARG B 82 24.39 -17.51 22.57
C ARG B 82 23.13 -18.31 22.87
N ASP B 83 22.92 -18.63 24.14
CA ASP B 83 21.80 -19.47 24.54
C ASP B 83 20.48 -18.77 24.34
N LEU B 84 20.40 -17.48 24.67
CA LEU B 84 19.17 -16.73 24.43
C LEU B 84 18.79 -16.76 22.96
N VAL B 85 19.77 -16.59 22.08
CA VAL B 85 19.49 -16.56 20.66
C VAL B 85 19.02 -17.93 20.18
N VAL B 86 19.73 -18.98 20.56
CA VAL B 86 19.35 -20.31 20.11
C VAL B 86 17.97 -20.67 20.64
N SER B 87 17.66 -20.28 21.87
CA SER B 87 16.38 -20.61 22.47
C SER B 87 15.25 -19.86 21.78
N TYR B 88 15.42 -18.55 21.58
CA TYR B 88 14.42 -17.80 20.83
C TYR B 88 14.17 -18.48 19.48
N VAL B 89 15.24 -18.73 18.74
CA VAL B 89 15.11 -19.31 17.41
C VAL B 89 14.26 -20.55 17.54
N ASN B 90 14.79 -21.56 18.24
CA ASN B 90 14.11 -22.84 18.29
C ASN B 90 12.68 -22.64 18.77
N THR B 91 12.49 -22.22 20.02
CA THR B 91 11.14 -22.10 20.55
C THR B 91 10.18 -21.39 19.61
N ASN B 92 10.39 -20.09 19.37
CA ASN B 92 9.38 -19.31 18.66
C ASN B 92 9.33 -19.66 17.18
N MET B 93 10.47 -19.49 16.50
CA MET B 93 10.46 -19.71 15.06
C MET B 93 10.09 -21.14 14.72
N GLY B 94 10.40 -22.10 15.61
CA GLY B 94 10.02 -23.47 15.34
C GLY B 94 8.59 -23.77 15.68
N LEU B 95 8.01 -23.06 16.65
CA LEU B 95 6.57 -23.10 16.80
C LEU B 95 5.89 -22.76 15.48
N LYS B 96 6.27 -21.62 14.90
CA LYS B 96 5.70 -21.24 13.62
C LYS B 96 6.06 -22.24 12.52
N PHE B 97 7.31 -22.70 12.51
CA PHE B 97 7.76 -23.61 11.48
C PHE B 97 6.99 -24.92 11.51
N ARG B 98 6.67 -25.41 12.71
CA ARG B 98 5.97 -26.68 12.78
C ARG B 98 4.48 -26.51 12.58
N GLN B 99 3.92 -25.37 12.93
CA GLN B 99 2.58 -25.05 12.42
C GLN B 99 2.55 -25.22 10.91
N LEU B 100 3.47 -24.57 10.21
CA LEU B 100 3.46 -24.58 8.75
C LEU B 100 3.70 -25.97 8.20
N LEU B 101 4.75 -26.63 8.69
CA LEU B 101 5.05 -27.99 8.28
C LEU B 101 3.85 -28.90 8.48
N TRP B 102 3.28 -28.91 9.68
CA TRP B 102 2.09 -29.68 9.94
C TRP B 102 1.02 -29.41 8.90
N PHE B 103 0.68 -28.14 8.69
CA PHE B 103 -0.39 -27.83 7.76
C PHE B 103 -0.11 -28.43 6.40
N HIS B 104 1.11 -28.24 5.89
CA HIS B 104 1.39 -28.61 4.51
C HIS B 104 1.49 -30.11 4.34
N ILE B 105 2.22 -30.78 5.23
CA ILE B 105 2.31 -32.23 5.19
C ILE B 105 0.93 -32.86 5.33
N SER B 106 0.18 -32.42 6.34
CA SER B 106 -1.16 -32.95 6.55
C SER B 106 -2.03 -32.77 5.32
N CYS B 107 -2.00 -31.58 4.72
CA CYS B 107 -2.80 -31.37 3.51
C CYS B 107 -2.37 -32.33 2.42
N LEU B 108 -1.11 -32.26 2.02
CA LEU B 108 -0.60 -33.16 0.99
C LEU B 108 -1.00 -34.60 1.24
N THR B 109 -0.99 -35.02 2.50
CA THR B 109 -1.13 -36.44 2.82
C THR B 109 -2.59 -36.87 2.83
N PHE B 110 -3.45 -36.11 3.50
CA PHE B 110 -4.84 -36.47 3.70
C PHE B 110 -5.79 -35.72 2.77
N GLY B 111 -5.66 -34.41 2.67
CA GLY B 111 -6.56 -33.59 1.89
C GLY B 111 -6.82 -32.27 2.55
N ARG B 112 -7.05 -31.24 1.74
CA ARG B 112 -7.33 -29.91 2.26
C ARG B 112 -8.64 -29.89 3.03
N GLU B 113 -9.70 -30.44 2.43
CA GLU B 113 -10.98 -30.50 3.11
C GLU B 113 -10.88 -31.31 4.38
N THR B 114 -10.13 -32.41 4.34
CA THR B 114 -9.92 -33.21 5.55
C THR B 114 -9.27 -32.38 6.63
N VAL B 115 -8.23 -31.62 6.27
CA VAL B 115 -7.51 -30.85 7.26
C VAL B 115 -8.39 -29.77 7.87
N ILE B 116 -9.24 -29.16 7.06
CA ILE B 116 -10.04 -28.06 7.56
C ILE B 116 -11.19 -28.57 8.44
N GLU B 117 -11.87 -29.63 7.99
CA GLU B 117 -12.84 -30.27 8.85
C GLU B 117 -12.20 -30.74 10.14
N TYR B 118 -10.95 -31.18 10.08
CA TYR B 118 -10.25 -31.61 11.29
C TYR B 118 -9.98 -30.44 12.20
N LEU B 119 -9.65 -29.28 11.63
CA LEU B 119 -9.41 -28.10 12.43
C LEU B 119 -10.68 -27.71 13.17
N VAL B 120 -11.82 -27.71 12.49
CA VAL B 120 -13.05 -27.31 13.16
C VAL B 120 -13.46 -28.34 14.20
N SER B 121 -13.27 -29.63 13.90
CA SER B 121 -13.64 -30.66 14.87
C SER B 121 -12.74 -30.62 16.10
N PHE B 122 -11.45 -30.36 15.90
CA PHE B 122 -10.55 -30.20 17.04
C PHE B 122 -10.90 -28.96 17.85
N GLY B 123 -11.37 -27.91 17.18
CA GLY B 123 -11.88 -26.78 17.93
C GLY B 123 -13.06 -27.16 18.81
N VAL B 124 -14.02 -27.86 18.20
CA VAL B 124 -15.15 -28.39 18.97
C VAL B 124 -14.65 -29.13 20.20
N TRP B 125 -13.71 -30.05 20.00
CA TRP B 125 -13.16 -30.84 21.09
C TRP B 125 -12.59 -29.95 22.19
N ILE B 126 -11.57 -29.17 21.84
CA ILE B 126 -10.85 -28.39 22.84
C ILE B 126 -11.78 -27.40 23.54
N ARG B 127 -12.84 -26.97 22.86
CA ARG B 127 -13.81 -26.09 23.49
C ARG B 127 -14.71 -26.83 24.45
N THR B 128 -15.04 -28.08 24.14
CA THR B 128 -15.93 -28.84 25.00
C THR B 128 -15.32 -28.97 26.39
N PRO B 129 -16.07 -28.70 27.45
CA PRO B 129 -15.52 -28.78 28.80
C PRO B 129 -14.99 -30.17 29.10
N PRO B 130 -14.07 -30.29 30.05
CA PRO B 130 -13.47 -31.60 30.34
C PRO B 130 -14.46 -32.59 30.89
N ALA B 131 -15.61 -32.13 31.39
CA ALA B 131 -16.64 -33.05 31.85
C ALA B 131 -17.31 -33.79 30.71
N TYR B 132 -17.21 -33.26 29.49
CA TYR B 132 -17.83 -33.87 28.32
C TYR B 132 -16.84 -33.97 27.16
N ARG B 133 -15.57 -33.71 27.39
CA ARG B 133 -14.52 -33.84 26.40
C ARG B 133 -14.07 -35.29 26.32
N PRO B 134 -14.44 -36.03 25.29
CA PRO B 134 -13.95 -37.39 25.16
C PRO B 134 -12.43 -37.39 25.20
N PRO B 135 -11.83 -38.47 25.72
CA PRO B 135 -10.36 -38.54 25.72
C PRO B 135 -9.78 -38.80 24.35
N ASN B 136 -10.58 -39.31 23.42
CA ASN B 136 -10.12 -39.59 22.06
C ASN B 136 -10.13 -38.30 21.26
N ALA B 137 -9.13 -37.47 21.52
CA ALA B 137 -8.94 -36.27 20.73
C ALA B 137 -9.00 -36.62 19.24
N PRO B 138 -9.53 -35.74 18.40
CA PRO B 138 -9.58 -36.05 16.97
C PRO B 138 -8.18 -36.27 16.42
N ILE B 139 -8.10 -37.12 15.41
CA ILE B 139 -6.82 -37.46 14.82
C ILE B 139 -7.04 -37.74 13.34
N LEU B 140 -6.02 -37.48 12.55
CA LEU B 140 -6.09 -37.62 11.11
C LEU B 140 -5.62 -39.01 10.70
N SER B 141 -6.40 -39.67 9.85
CA SER B 141 -6.10 -41.04 9.46
C SER B 141 -6.51 -41.27 8.02
N THR B 142 -5.91 -42.30 7.42
CA THR B 142 -6.24 -42.75 6.08
C THR B 142 -7.12 -43.99 6.08
N LEU B 143 -7.26 -44.65 7.22
CA LEU B 143 -8.10 -45.84 7.32
C LEU B 143 -9.57 -45.47 7.20
N MET C 1 -13.97 9.10 5.48
CA MET C 1 -13.82 7.68 5.06
C MET C 1 -12.44 7.43 4.49
N ASP C 2 -12.17 6.17 4.15
CA ASP C 2 -10.90 5.78 3.54
C ASP C 2 -11.10 5.77 2.03
N ILE C 3 -10.45 6.71 1.34
CA ILE C 3 -10.55 6.85 -0.09
C ILE C 3 -9.15 6.95 -0.68
N ASP C 4 -8.97 6.32 -1.84
CA ASP C 4 -7.73 6.45 -2.60
C ASP C 4 -8.01 7.35 -3.80
N PRO C 5 -7.44 8.56 -3.87
CA PRO C 5 -7.80 9.46 -4.96
C PRO C 5 -7.50 8.94 -6.34
N TYR C 6 -6.81 7.80 -6.46
CA TYR C 6 -6.40 7.30 -7.76
C TYR C 6 -7.07 6.00 -8.17
N LYS C 7 -7.60 5.23 -7.22
CA LYS C 7 -8.08 3.89 -7.58
C LYS C 7 -9.28 3.93 -8.51
N GLU C 8 -10.02 5.03 -8.56
CA GLU C 8 -11.00 5.18 -9.64
C GLU C 8 -10.35 5.40 -10.99
N PHE C 9 -9.03 5.59 -11.02
CA PHE C 9 -8.30 5.71 -12.26
C PHE C 9 -7.43 4.49 -12.56
N GLY C 10 -7.04 3.75 -11.54
CA GLY C 10 -6.17 2.61 -11.76
C GLY C 10 -4.77 2.80 -11.23
N ALA C 11 -4.65 3.35 -10.04
CA ALA C 11 -3.36 3.55 -9.40
C ALA C 11 -3.57 3.46 -7.90
N THR C 12 -2.58 3.94 -7.14
CA THR C 12 -2.64 3.85 -5.69
C THR C 12 -1.48 4.63 -5.09
N VAL C 13 -1.69 5.09 -3.86
CA VAL C 13 -0.67 5.85 -3.16
C VAL C 13 0.57 5.01 -2.95
N GLU C 14 0.40 3.71 -2.72
CA GLU C 14 1.55 2.82 -2.62
C GLU C 14 2.34 2.77 -3.91
N LEU C 15 1.69 3.09 -5.03
CA LEU C 15 2.35 3.08 -6.32
C LEU C 15 2.96 4.42 -6.68
N LEU C 16 2.43 5.50 -6.15
CA LEU C 16 3.05 6.80 -6.41
C LEU C 16 4.10 7.18 -5.37
N SER C 17 4.11 6.53 -4.21
CA SER C 17 5.25 6.63 -3.32
C SER C 17 6.40 5.75 -3.80
N PHE C 18 6.19 4.96 -4.85
CA PHE C 18 7.23 4.16 -5.45
C PHE C 18 8.26 5.01 -6.18
N LEU C 19 8.04 6.30 -6.24
CA LEU C 19 8.95 7.27 -6.81
C LEU C 19 9.46 8.21 -5.74
N PRO C 20 10.66 8.76 -5.90
CA PRO C 20 11.19 9.65 -4.87
C PRO C 20 10.40 10.94 -4.78
N SER C 21 10.41 11.51 -3.58
CA SER C 21 9.74 12.80 -3.36
C SER C 21 10.46 13.94 -4.04
N ASP C 22 11.69 13.74 -4.50
CA ASP C 22 12.45 14.75 -5.20
C ASP C 22 12.24 14.70 -6.70
N PHE C 23 11.25 13.95 -7.16
CA PHE C 23 10.98 13.80 -8.58
C PHE C 23 9.85 14.68 -9.06
N PHE C 24 8.90 14.99 -8.21
CA PHE C 24 7.68 15.64 -8.63
C PHE C 24 7.89 17.14 -8.79
N PRO C 25 7.55 17.72 -9.94
CA PRO C 25 7.80 19.14 -10.14
C PRO C 25 7.04 19.99 -9.15
N SER C 26 7.49 21.24 -9.04
CA SER C 26 6.92 22.16 -8.07
C SER C 26 5.46 22.45 -8.38
N VAL C 27 4.75 22.88 -7.34
CA VAL C 27 3.33 23.18 -7.46
C VAL C 27 3.12 24.27 -8.50
N ARG C 28 3.91 25.33 -8.43
CA ARG C 28 3.77 26.43 -9.36
C ARG C 28 4.00 25.97 -10.80
N ASP C 29 5.02 25.15 -11.02
CA ASP C 29 5.29 24.66 -12.37
C ASP C 29 4.13 23.83 -12.89
N LEU C 30 3.59 22.94 -12.04
CA LEU C 30 2.49 22.10 -12.49
C LEU C 30 1.24 22.92 -12.76
N LEU C 31 0.98 23.94 -11.95
CA LEU C 31 -0.18 24.77 -12.18
C LEU C 31 -0.03 25.58 -13.45
N ASP C 32 1.17 26.08 -13.72
CA ASP C 32 1.42 26.77 -14.97
C ASP C 32 1.18 25.85 -16.16
N THR C 33 1.71 24.62 -16.07
CA THR C 33 1.46 23.65 -17.12
C THR C 33 -0.03 23.41 -17.32
N ALA C 34 -0.76 23.26 -16.21
CA ALA C 34 -2.18 22.95 -16.30
C ALA C 34 -2.93 24.09 -16.95
N SER C 35 -2.63 25.32 -16.55
CA SER C 35 -3.22 26.47 -17.21
C SER C 35 -2.94 26.37 -18.71
N ALA C 36 -1.65 26.46 -19.06
CA ALA C 36 -1.25 26.53 -20.45
C ALA C 36 -1.94 25.48 -21.31
N LEU C 37 -2.13 24.28 -20.78
CA LEU C 37 -2.57 23.18 -21.62
C LEU C 37 -4.06 22.88 -21.56
N TYR C 38 -4.73 23.15 -20.43
CA TYR C 38 -6.13 22.76 -20.29
C TYR C 38 -6.94 23.82 -19.57
N ARG C 39 -6.58 25.10 -19.67
CA ARG C 39 -7.39 26.14 -19.05
C ARG C 39 -8.78 26.19 -19.66
N GLU C 40 -8.86 26.14 -20.99
CA GLU C 40 -10.12 26.26 -21.68
C GLU C 40 -11.03 25.06 -21.47
N ALA C 41 -10.51 23.97 -20.93
CA ALA C 41 -11.31 22.79 -20.67
C ALA C 41 -11.53 22.54 -19.19
N LEU C 42 -10.72 23.15 -18.32
CA LEU C 42 -11.02 23.14 -16.90
C LEU C 42 -12.06 24.21 -16.57
N GLU C 43 -11.97 25.36 -17.22
CA GLU C 43 -12.97 26.41 -17.10
C GLU C 43 -14.21 26.12 -17.94
N SER C 44 -14.31 24.98 -18.49
CA SER C 44 -15.38 24.66 -19.41
C SER C 44 -16.60 24.12 -18.66
N PRO C 45 -17.79 24.35 -19.19
CA PRO C 45 -19.00 23.75 -18.62
C PRO C 45 -19.31 22.38 -19.23
N GLU C 46 -18.34 21.47 -19.14
CA GLU C 46 -18.48 20.12 -19.67
C GLU C 46 -17.81 19.13 -18.74
N HIS C 47 -18.44 17.97 -18.58
CA HIS C 47 -17.76 16.83 -17.96
C HIS C 47 -16.75 16.29 -18.94
N CYS C 48 -15.65 17.00 -19.15
CA CYS C 48 -14.73 16.57 -20.19
C CYS C 48 -14.07 15.24 -19.82
N SER C 49 -13.70 15.08 -18.56
CA SER C 49 -13.07 13.85 -18.13
C SER C 49 -12.97 13.80 -16.61
N PRO C 50 -12.94 12.61 -16.02
CA PRO C 50 -12.72 12.51 -14.58
C PRO C 50 -11.45 13.19 -14.13
N HIS C 51 -10.42 13.15 -14.96
CA HIS C 51 -9.20 13.88 -14.65
C HIS C 51 -9.47 15.37 -14.54
N HIS C 52 -10.26 15.90 -15.47
CA HIS C 52 -10.62 17.31 -15.43
C HIS C 52 -11.35 17.63 -14.13
N THR C 53 -12.35 16.83 -13.78
CA THR C 53 -13.10 17.06 -12.56
C THR C 53 -12.19 17.07 -11.33
N ALA C 54 -11.40 16.02 -11.17
CA ALA C 54 -10.55 15.90 -10.00
C ALA C 54 -9.52 17.01 -9.95
N LEU C 55 -9.01 17.42 -11.11
CA LEU C 55 -8.03 18.48 -11.16
C LEU C 55 -8.65 19.81 -10.76
N ARG C 56 -9.89 20.04 -11.15
CA ARG C 56 -10.61 21.22 -10.73
C ARG C 56 -10.74 21.28 -9.22
N GLN C 57 -11.24 20.19 -8.64
CA GLN C 57 -11.41 20.16 -7.19
C GLN C 57 -10.08 20.35 -6.47
N ALA C 58 -9.02 19.71 -6.98
CA ALA C 58 -7.70 19.87 -6.37
C ALA C 58 -7.21 21.30 -6.43
N ILE C 59 -7.42 21.98 -7.56
CA ILE C 59 -6.97 23.36 -7.68
C ILE C 59 -7.74 24.26 -6.73
N LEU C 60 -9.05 24.04 -6.63
CA LEU C 60 -9.84 24.83 -5.68
C LEU C 60 -9.37 24.59 -4.25
N CYS C 61 -9.05 23.35 -3.91
CA CYS C 61 -8.58 23.05 -2.57
C CYS C 61 -7.24 23.69 -2.27
N TRP C 62 -6.31 23.62 -3.21
CA TRP C 62 -5.03 24.29 -3.00
C TRP C 62 -5.22 25.78 -2.83
N GLY C 63 -6.13 26.37 -3.61
CA GLY C 63 -6.41 27.79 -3.45
C GLY C 63 -6.95 28.11 -2.07
N GLU C 64 -7.84 27.27 -1.55
CA GLU C 64 -8.40 27.54 -0.24
C GLU C 64 -7.36 27.36 0.86
N LEU C 65 -6.51 26.34 0.75
CA LEU C 65 -5.41 26.20 1.69
C LEU C 65 -4.51 27.42 1.67
N MET C 66 -4.14 27.88 0.47
CA MET C 66 -3.29 29.05 0.35
C MET C 66 -3.93 30.26 1.00
N THR C 67 -5.22 30.48 0.70
CA THR C 67 -5.96 31.57 1.33
C THR C 67 -5.86 31.49 2.85
N LEU C 68 -6.15 30.31 3.40
CA LEU C 68 -6.13 30.14 4.84
C LEU C 68 -4.77 30.46 5.42
N ALA C 69 -3.71 29.91 4.81
CA ALA C 69 -2.38 30.09 5.36
C ALA C 69 -1.96 31.55 5.31
N THR C 70 -2.27 32.23 4.20
CA THR C 70 -1.95 33.65 4.11
C THR C 70 -2.70 34.43 5.17
N TRP C 71 -3.98 34.10 5.38
CA TRP C 71 -4.76 34.81 6.39
C TRP C 71 -4.18 34.62 7.78
N VAL C 72 -3.81 33.38 8.11
CA VAL C 72 -3.24 33.10 9.42
C VAL C 72 -1.94 33.87 9.61
N GLY C 73 -1.05 33.81 8.61
CA GLY C 73 0.20 34.52 8.73
C GLY C 73 0.00 36.02 8.87
N VAL C 74 -0.93 36.58 8.10
CA VAL C 74 -1.17 38.02 8.13
C VAL C 74 -1.75 38.44 9.47
N ASN C 75 -2.54 37.59 10.11
CA ASN C 75 -3.10 37.93 11.41
C ASN C 75 -2.07 37.76 12.53
N LEU C 76 -1.44 36.58 12.60
CA LEU C 76 -0.39 36.35 13.58
C LEU C 76 0.65 37.45 13.64
N GLU C 77 1.19 37.68 14.84
CA GLU C 77 2.17 38.74 15.04
C GLU C 77 3.61 38.24 14.94
N ASP C 78 3.92 37.06 15.52
CA ASP C 78 5.30 36.60 15.53
C ASP C 78 5.59 35.69 14.35
N PRO C 79 6.79 35.77 13.78
CA PRO C 79 7.10 34.91 12.63
C PRO C 79 7.07 33.42 12.96
N ALA C 80 7.45 33.03 14.17
CA ALA C 80 7.56 31.60 14.49
C ALA C 80 6.30 30.84 14.09
N SER C 81 5.14 31.47 14.22
CA SER C 81 3.89 30.88 13.76
C SER C 81 3.21 31.58 12.57
N ARG C 82 3.65 32.79 12.22
CA ARG C 82 3.23 33.38 10.95
C ARG C 82 3.77 32.58 9.77
N ASP C 83 4.86 31.84 9.97
CA ASP C 83 5.45 31.03 8.91
C ASP C 83 5.00 29.59 8.98
N LEU C 84 4.96 29.02 10.20
CA LEU C 84 4.77 27.58 10.33
C LEU C 84 3.58 27.08 9.54
N VAL C 85 2.57 27.93 9.33
CA VAL C 85 1.39 27.49 8.59
C VAL C 85 1.76 27.16 7.16
N VAL C 86 2.22 28.18 6.42
CA VAL C 86 2.58 27.95 5.01
C VAL C 86 3.71 26.94 4.91
N SER C 87 4.61 26.94 5.89
CA SER C 87 5.74 26.02 5.84
C SER C 87 5.26 24.58 5.94
N TYR C 88 4.45 24.28 6.96
CA TYR C 88 3.91 22.93 7.11
C TYR C 88 3.06 22.55 5.90
N VAL C 89 2.31 23.50 5.34
CA VAL C 89 1.55 23.21 4.14
C VAL C 89 2.49 22.73 3.04
N ASN C 90 3.40 23.59 2.62
CA ASN C 90 4.33 23.21 1.56
C ASN C 90 5.13 21.96 1.88
N THR C 91 5.27 21.62 3.17
CA THR C 91 5.99 20.41 3.53
C THR C 91 5.14 19.17 3.28
N ASN C 92 3.96 19.10 3.88
CA ASN C 92 3.18 17.88 3.93
C ASN C 92 2.13 17.79 2.84
N MET C 93 1.43 18.87 2.54
CA MET C 93 0.36 18.86 1.57
C MET C 93 0.83 19.18 0.16
N GLY C 94 1.92 19.95 0.03
CA GLY C 94 2.48 20.19 -1.28
C GLY C 94 2.84 18.92 -2.00
N LEU C 95 3.39 17.95 -1.26
CA LEU C 95 3.80 16.69 -1.87
C LEU C 95 2.60 15.95 -2.43
N LYS C 96 1.55 15.78 -1.63
CA LYS C 96 0.33 15.15 -2.11
C LYS C 96 -0.21 15.89 -3.32
N PHE C 97 -0.27 17.22 -3.25
CA PHE C 97 -0.82 18.01 -4.35
C PHE C 97 -0.05 17.79 -5.64
N ARG C 98 1.27 17.85 -5.58
CA ARG C 98 2.04 17.77 -6.81
C ARG C 98 2.13 16.34 -7.32
N GLN C 99 2.10 15.34 -6.44
CA GLN C 99 1.93 13.97 -6.91
C GLN C 99 0.62 13.82 -7.70
N LEU C 100 -0.48 14.35 -7.16
CA LEU C 100 -1.77 14.16 -7.80
C LEU C 100 -1.87 14.94 -9.11
N LEU C 101 -1.37 16.18 -9.12
CA LEU C 101 -1.35 16.97 -10.34
C LEU C 101 -0.46 16.34 -11.39
N TRP C 102 0.73 15.89 -11.01
CA TRP C 102 1.56 15.16 -11.95
C TRP C 102 0.80 14.00 -12.55
N PHE C 103 0.13 13.20 -11.71
CA PHE C 103 -0.62 12.08 -12.23
C PHE C 103 -1.64 12.52 -13.27
N HIS C 104 -2.46 13.52 -12.92
CA HIS C 104 -3.59 13.86 -13.78
C HIS C 104 -3.13 14.51 -15.08
N ILE C 105 -2.21 15.45 -14.98
CA ILE C 105 -1.67 16.10 -16.17
C ILE C 105 -0.99 15.09 -17.06
N SER C 106 -0.08 14.30 -16.49
CA SER C 106 0.64 13.30 -17.27
C SER C 106 -0.33 12.34 -17.94
N CYS C 107 -1.38 11.93 -17.24
CA CYS C 107 -2.34 11.02 -17.85
C CYS C 107 -3.04 11.70 -19.02
N LEU C 108 -3.72 12.81 -18.75
CA LEU C 108 -4.41 13.54 -19.80
C LEU C 108 -3.53 13.75 -21.02
N THR C 109 -2.24 13.99 -20.80
CA THR C 109 -1.33 14.29 -21.90
C THR C 109 -0.90 13.03 -22.64
N PHE C 110 -0.23 12.13 -21.94
CA PHE C 110 0.43 10.98 -22.57
C PHE C 110 -0.49 9.76 -22.67
N GLY C 111 -1.18 9.41 -21.60
CA GLY C 111 -1.91 8.17 -21.53
C GLY C 111 -1.77 7.52 -20.17
N ARG C 112 -2.84 6.86 -19.74
CA ARG C 112 -2.87 6.30 -18.39
C ARG C 112 -1.93 5.10 -18.28
N GLU C 113 -2.08 4.14 -19.17
CA GLU C 113 -1.17 3.00 -19.19
C GLU C 113 0.28 3.47 -19.30
N THR C 114 0.51 4.52 -20.07
CA THR C 114 1.86 5.05 -20.22
C THR C 114 2.38 5.57 -18.89
N VAL C 115 1.57 6.37 -18.20
CA VAL C 115 1.99 6.94 -16.92
C VAL C 115 2.25 5.83 -15.91
N ILE C 116 1.45 4.77 -15.94
CA ILE C 116 1.61 3.71 -14.96
C ILE C 116 2.87 2.91 -15.24
N GLU C 117 3.05 2.49 -16.49
CA GLU C 117 4.28 1.81 -16.86
C GLU C 117 5.49 2.68 -16.57
N TYR C 118 5.34 4.00 -16.68
CA TYR C 118 6.45 4.89 -16.39
C TYR C 118 6.75 4.90 -14.90
N LEU C 119 5.73 4.96 -14.06
CA LEU C 119 5.95 4.85 -12.63
C LEU C 119 6.72 3.58 -12.29
N VAL C 120 6.23 2.45 -12.80
CA VAL C 120 6.87 1.17 -12.54
C VAL C 120 8.33 1.18 -12.98
N SER C 121 8.56 1.55 -14.25
CA SER C 121 9.90 1.50 -14.81
C SER C 121 10.85 2.43 -14.09
N PHE C 122 10.36 3.63 -13.73
CA PHE C 122 11.22 4.59 -13.06
C PHE C 122 11.55 4.15 -11.64
N GLY C 123 10.62 3.49 -10.96
CA GLY C 123 10.95 2.95 -9.65
C GLY C 123 11.98 1.84 -9.74
N VAL C 124 11.72 0.87 -10.61
CA VAL C 124 12.70 -0.18 -10.87
C VAL C 124 14.05 0.41 -11.21
N TRP C 125 14.06 1.50 -11.97
CA TRP C 125 15.30 2.11 -12.43
C TRP C 125 16.04 2.80 -11.28
N ILE C 126 15.36 3.71 -10.59
CA ILE C 126 15.96 4.41 -9.47
C ILE C 126 16.34 3.48 -8.34
N ARG C 127 15.86 2.24 -8.37
CA ARG C 127 16.26 1.25 -7.38
C ARG C 127 17.36 0.33 -7.87
N THR C 128 17.47 0.13 -9.18
CA THR C 128 18.56 -0.67 -9.73
C THR C 128 19.89 0.05 -9.57
N PRO C 129 20.99 -0.69 -9.54
CA PRO C 129 22.30 -0.05 -9.48
C PRO C 129 22.73 0.49 -10.82
N PRO C 130 23.62 1.49 -10.82
CA PRO C 130 23.91 2.22 -12.06
C PRO C 130 24.68 1.40 -13.06
N ALA C 131 25.57 0.52 -12.61
CA ALA C 131 26.38 -0.26 -13.52
C ALA C 131 25.55 -1.21 -14.37
N TYR C 132 24.38 -1.60 -13.87
CA TYR C 132 23.54 -2.58 -14.54
C TYR C 132 22.17 -2.04 -14.91
N ARG C 133 21.96 -0.74 -14.77
CA ARG C 133 20.79 -0.11 -15.39
C ARG C 133 21.19 0.76 -16.56
N PRO C 134 20.23 1.07 -17.44
CA PRO C 134 20.50 2.07 -18.47
C PRO C 134 20.91 3.39 -17.84
N PRO C 135 21.77 4.16 -18.52
CA PRO C 135 22.36 5.33 -17.86
C PRO C 135 21.46 6.55 -17.81
N ASN C 136 20.45 6.63 -18.68
CA ASN C 136 19.63 7.82 -18.80
C ASN C 136 18.31 7.59 -18.07
N ALA C 137 17.98 8.51 -17.17
CA ALA C 137 16.73 8.42 -16.45
C ALA C 137 15.56 8.36 -17.43
N PRO C 138 14.55 7.55 -17.16
CA PRO C 138 13.37 7.54 -18.03
C PRO C 138 12.64 8.88 -17.97
N ILE C 139 11.85 9.13 -19.01
CA ILE C 139 11.16 10.40 -19.15
C ILE C 139 10.04 10.22 -20.15
N LEU C 140 9.06 11.10 -20.09
CA LEU C 140 7.90 11.08 -20.96
C LEU C 140 8.06 12.10 -22.07
N SER C 141 7.67 11.73 -23.28
CA SER C 141 7.81 12.60 -24.44
C SER C 141 6.61 12.42 -25.37
N THR C 142 6.17 13.52 -25.94
CA THR C 142 5.19 13.51 -27.02
C THR C 142 5.82 13.62 -28.38
N LEU C 143 7.15 13.72 -28.43
CA LEU C 143 7.89 13.97 -29.65
C LEU C 143 8.23 12.65 -30.33
N MET D 1 -6.72 30.17 -11.97
CA MET D 1 -7.89 29.95 -12.85
C MET D 1 -9.19 30.10 -12.07
N ASP D 2 -10.16 30.79 -12.66
CA ASP D 2 -11.45 31.00 -12.02
C ASP D 2 -12.35 29.85 -12.42
N ILE D 3 -12.38 28.83 -11.57
CA ILE D 3 -13.18 27.64 -11.79
C ILE D 3 -14.45 27.73 -10.96
N ASP D 4 -15.58 27.39 -11.59
CA ASP D 4 -16.83 27.28 -10.88
C ASP D 4 -17.07 25.79 -10.63
N PRO D 5 -17.03 25.33 -9.39
CA PRO D 5 -17.17 23.89 -9.15
C PRO D 5 -18.51 23.31 -9.55
N TYR D 6 -19.42 24.12 -10.11
CA TYR D 6 -20.75 23.66 -10.46
C TYR D 6 -21.08 23.73 -11.93
N LYS D 7 -20.50 24.65 -12.69
CA LYS D 7 -20.87 24.80 -14.09
C LYS D 7 -20.65 23.51 -14.86
N GLU D 8 -19.66 22.72 -14.44
CA GLU D 8 -19.50 21.38 -14.99
C GLU D 8 -20.77 20.55 -14.85
N PHE D 9 -21.52 20.77 -13.77
CA PHE D 9 -22.70 19.98 -13.45
C PHE D 9 -23.98 20.67 -13.89
N GLY D 10 -23.87 21.91 -14.34
CA GLY D 10 -25.02 22.63 -14.84
C GLY D 10 -25.58 23.63 -13.84
N ALA D 11 -24.72 24.43 -13.23
CA ALA D 11 -25.14 25.40 -12.25
C ALA D 11 -24.04 26.43 -12.07
N THR D 12 -24.20 27.24 -11.03
CA THR D 12 -23.28 28.35 -10.77
C THR D 12 -23.32 28.67 -9.29
N VAL D 13 -22.31 29.41 -8.83
CA VAL D 13 -22.34 29.92 -7.47
C VAL D 13 -23.52 30.87 -7.29
N GLU D 14 -23.87 31.61 -8.33
CA GLU D 14 -24.98 32.55 -8.24
C GLU D 14 -26.29 31.82 -8.01
N LEU D 15 -26.58 30.82 -8.85
CA LEU D 15 -27.83 30.08 -8.73
C LEU D 15 -27.96 29.46 -7.35
N LEU D 16 -26.84 29.18 -6.69
CA LEU D 16 -26.89 28.65 -5.34
C LEU D 16 -26.85 29.73 -4.27
N SER D 17 -26.68 30.99 -4.66
CA SER D 17 -26.70 32.07 -3.69
C SER D 17 -28.11 32.49 -3.32
N PHE D 18 -29.11 31.96 -4.03
CA PHE D 18 -30.49 32.17 -3.62
C PHE D 18 -30.73 31.60 -2.24
N LEU D 19 -30.28 30.37 -2.02
CA LEU D 19 -30.32 29.78 -0.70
C LEU D 19 -29.50 30.63 0.26
N PRO D 20 -30.01 30.98 1.42
CA PRO D 20 -29.18 31.70 2.38
C PRO D 20 -28.02 30.87 2.87
N SER D 21 -27.21 31.44 3.75
CA SER D 21 -26.06 30.71 4.27
C SER D 21 -26.47 29.79 5.42
N ASP D 22 -27.49 30.14 6.18
CA ASP D 22 -27.96 29.32 7.28
C ASP D 22 -28.88 28.22 6.84
N PHE D 23 -29.04 28.01 5.54
CA PHE D 23 -29.92 26.97 5.04
C PHE D 23 -29.23 25.63 5.01
N PHE D 24 -27.93 25.62 4.92
CA PHE D 24 -27.22 24.41 4.57
C PHE D 24 -26.95 23.58 5.81
N PRO D 25 -27.23 22.29 5.78
CA PRO D 25 -27.04 21.47 6.97
C PRO D 25 -25.60 21.48 7.45
N SER D 26 -25.39 20.87 8.59
CA SER D 26 -24.05 20.76 9.14
C SER D 26 -23.22 19.76 8.35
N VAL D 27 -21.91 19.97 8.38
CA VAL D 27 -21.00 19.08 7.68
C VAL D 27 -21.10 17.67 8.27
N ARG D 28 -21.37 17.56 9.56
CA ARG D 28 -21.55 16.24 10.16
C ARG D 28 -22.76 15.54 9.57
N ASP D 29 -23.90 16.23 9.52
CA ASP D 29 -25.09 15.65 8.92
C ASP D 29 -24.84 15.23 7.48
N LEU D 30 -24.15 16.05 6.71
CA LEU D 30 -23.96 15.74 5.30
C LEU D 30 -22.98 14.59 5.11
N LEU D 31 -21.92 14.54 5.91
CA LEU D 31 -20.99 13.43 5.85
C LEU D 31 -21.67 12.13 6.24
N ASP D 32 -22.56 12.19 7.23
CA ASP D 32 -23.33 11.01 7.58
C ASP D 32 -24.25 10.58 6.45
N THR D 33 -24.93 11.54 5.83
CA THR D 33 -25.78 11.22 4.69
C THR D 33 -24.98 10.53 3.59
N ALA D 34 -23.78 11.02 3.32
CA ALA D 34 -22.94 10.41 2.30
C ALA D 34 -22.54 8.99 2.71
N SER D 35 -21.94 8.86 3.90
CA SER D 35 -21.53 7.55 4.38
C SER D 35 -22.69 6.57 4.37
N ALA D 36 -23.91 7.08 4.44
CA ALA D 36 -25.08 6.21 4.44
C ALA D 36 -25.46 5.81 3.02
N LEU D 37 -25.63 6.78 2.12
CA LEU D 37 -26.24 6.49 0.83
C LEU D 37 -25.25 6.10 -0.25
N TYR D 38 -24.00 6.58 -0.20
CA TYR D 38 -23.10 6.45 -1.34
C TYR D 38 -21.69 6.02 -0.92
N ARG D 39 -21.55 5.32 0.21
CA ARG D 39 -20.23 4.93 0.67
C ARG D 39 -19.62 3.87 -0.23
N GLU D 40 -20.34 2.78 -0.47
CA GLU D 40 -19.86 1.70 -1.32
C GLU D 40 -19.46 2.21 -2.69
N ALA D 41 -19.96 3.37 -3.10
CA ALA D 41 -19.61 3.95 -4.39
C ALA D 41 -18.44 4.91 -4.27
N LEU D 42 -18.36 5.67 -3.19
CA LEU D 42 -17.25 6.60 -3.00
C LEU D 42 -15.96 5.88 -2.67
N GLU D 43 -16.03 4.64 -2.20
CA GLU D 43 -14.84 3.84 -1.98
C GLU D 43 -14.54 2.89 -3.13
N SER D 44 -15.45 2.80 -4.10
CA SER D 44 -15.28 1.88 -5.20
C SER D 44 -14.17 2.33 -6.14
N PRO D 45 -13.60 1.41 -6.90
CA PRO D 45 -12.70 1.78 -7.99
C PRO D 45 -13.44 1.94 -9.32
N GLU D 46 -14.32 2.94 -9.39
CA GLU D 46 -15.11 3.14 -10.60
C GLU D 46 -15.45 4.63 -10.73
N HIS D 47 -15.53 5.09 -11.97
CA HIS D 47 -16.05 6.42 -12.27
C HIS D 47 -17.57 6.38 -12.26
N CYS D 48 -18.12 6.02 -11.11
CA CYS D 48 -19.56 5.84 -11.01
C CYS D 48 -20.29 7.07 -11.52
N SER D 49 -19.74 8.25 -11.26
CA SER D 49 -20.34 9.49 -11.75
C SER D 49 -19.46 10.68 -11.38
N PRO D 50 -19.54 11.77 -12.14
CA PRO D 50 -18.77 12.97 -11.78
C PRO D 50 -19.08 13.47 -10.37
N HIS D 51 -20.31 13.24 -9.90
CA HIS D 51 -20.64 13.62 -8.54
C HIS D 51 -19.74 12.88 -7.55
N HIS D 52 -19.54 11.58 -7.75
CA HIS D 52 -18.63 10.83 -6.90
C HIS D 52 -17.20 11.31 -7.07
N THR D 53 -16.78 11.51 -8.31
CA THR D 53 -15.42 11.95 -8.56
C THR D 53 -15.11 13.26 -7.85
N ALA D 54 -16.10 14.14 -7.73
CA ALA D 54 -15.91 15.40 -7.06
C ALA D 54 -16.02 15.26 -5.55
N LEU D 55 -16.92 14.40 -5.09
CA LEU D 55 -17.19 14.27 -3.67
C LEU D 55 -16.01 13.62 -2.96
N ARG D 56 -15.39 12.62 -3.59
CA ARG D 56 -14.18 12.03 -3.04
C ARG D 56 -13.11 13.09 -2.79
N GLN D 57 -12.87 13.91 -3.80
CA GLN D 57 -11.84 14.94 -3.68
C GLN D 57 -12.20 15.94 -2.60
N ALA D 58 -13.45 16.37 -2.55
CA ALA D 58 -13.84 17.38 -1.56
C ALA D 58 -13.69 16.83 -0.16
N ILE D 59 -14.01 15.55 0.04
CA ILE D 59 -13.85 14.95 1.35
C ILE D 59 -12.39 14.85 1.73
N LEU D 60 -11.52 14.50 0.78
CA LEU D 60 -10.09 14.49 1.07
C LEU D 60 -9.60 15.88 1.45
N CYS D 61 -10.06 16.90 0.72
CA CYS D 61 -9.69 18.27 1.04
C CYS D 61 -10.12 18.63 2.45
N TRP D 62 -11.34 18.28 2.83
CA TRP D 62 -11.81 18.60 4.16
C TRP D 62 -10.99 17.90 5.23
N GLY D 63 -10.69 16.62 5.00
CA GLY D 63 -9.84 15.91 5.94
C GLY D 63 -8.49 16.58 6.11
N GLU D 64 -7.89 17.02 5.00
CA GLU D 64 -6.58 17.64 5.10
C GLU D 64 -6.65 18.99 5.79
N LEU D 65 -7.72 19.74 5.57
CA LEU D 65 -7.89 21.00 6.29
C LEU D 65 -8.05 20.76 7.78
N MET D 66 -8.84 19.76 8.14
CA MET D 66 -8.98 19.40 9.55
C MET D 66 -7.62 19.06 10.14
N THR D 67 -6.85 18.20 9.47
CA THR D 67 -5.53 17.86 9.97
C THR D 67 -4.68 19.11 10.15
N LEU D 68 -4.76 20.04 9.21
CA LEU D 68 -4.00 21.28 9.32
C LEU D 68 -4.37 22.01 10.61
N ALA D 69 -5.65 22.30 10.76
CA ALA D 69 -6.10 23.08 11.91
C ALA D 69 -5.79 22.36 13.22
N THR D 70 -5.81 21.03 13.21
CA THR D 70 -5.53 20.28 14.43
C THR D 70 -4.06 20.34 14.78
N TRP D 71 -3.18 19.97 13.84
CA TRP D 71 -1.76 20.16 14.02
C TRP D 71 -1.45 21.57 14.49
N VAL D 72 -2.20 22.55 14.01
CA VAL D 72 -2.01 23.92 14.43
C VAL D 72 -2.35 24.07 15.91
N GLY D 73 -3.60 23.79 16.26
CA GLY D 73 -4.05 23.93 17.63
C GLY D 73 -3.16 23.18 18.61
N VAL D 74 -2.47 22.15 18.10
CA VAL D 74 -1.58 21.37 18.94
C VAL D 74 -0.23 22.05 19.08
N ASN D 75 0.48 22.24 17.97
CA ASN D 75 1.85 22.74 18.02
C ASN D 75 1.94 24.22 18.33
N LEU D 76 0.83 24.94 18.38
CA LEU D 76 0.82 26.37 18.68
C LEU D 76 0.37 26.57 20.12
N GLU D 77 1.29 27.06 20.95
CA GLU D 77 1.01 27.24 22.38
C GLU D 77 0.10 28.42 22.66
N ASP D 78 -0.39 29.12 21.64
CA ASP D 78 -1.35 30.19 21.84
C ASP D 78 -2.77 29.67 21.60
N PRO D 79 -3.54 29.41 22.66
CA PRO D 79 -4.92 28.95 22.45
C PRO D 79 -5.75 29.91 21.64
N ALA D 80 -5.45 31.21 21.69
CA ALA D 80 -6.17 32.15 20.85
C ALA D 80 -5.94 31.86 19.38
N SER D 81 -4.69 31.61 18.99
CA SER D 81 -4.38 31.26 17.61
C SER D 81 -5.03 29.92 17.24
N ARG D 82 -4.90 28.94 18.12
CA ARG D 82 -5.58 27.66 17.93
C ARG D 82 -7.05 27.86 17.58
N ASP D 83 -7.79 28.50 18.50
CA ASP D 83 -9.22 28.70 18.30
C ASP D 83 -9.49 29.47 17.01
N LEU D 84 -8.77 30.56 16.79
CA LEU D 84 -9.06 31.41 15.64
C LEU D 84 -8.89 30.63 14.34
N VAL D 85 -7.77 29.91 14.21
CA VAL D 85 -7.52 29.15 12.99
C VAL D 85 -8.60 28.09 12.81
N VAL D 86 -8.82 27.27 13.84
CA VAL D 86 -9.68 26.10 13.67
C VAL D 86 -11.14 26.51 13.47
N SER D 87 -11.56 27.64 14.06
CA SER D 87 -12.93 28.10 13.89
C SER D 87 -13.12 28.92 12.62
N TYR D 88 -12.07 29.61 12.15
CA TYR D 88 -12.17 30.30 10.88
C TYR D 88 -12.26 29.29 9.74
N VAL D 89 -11.56 28.16 9.87
CA VAL D 89 -11.77 27.06 8.94
C VAL D 89 -13.25 26.84 8.73
N ASN D 90 -13.97 26.59 9.82
CA ASN D 90 -15.41 26.41 9.74
C ASN D 90 -16.04 27.64 9.09
N THR D 91 -15.96 28.78 9.78
CA THR D 91 -16.60 30.00 9.34
C THR D 91 -16.57 30.19 7.83
N ASN D 92 -15.39 30.08 7.22
CA ASN D 92 -15.23 30.44 5.82
C ASN D 92 -15.33 29.27 4.86
N MET D 93 -14.65 28.14 5.13
CA MET D 93 -14.63 27.05 4.18
C MET D 93 -15.69 26.00 4.41
N GLY D 94 -16.20 25.85 5.63
CA GLY D 94 -17.23 24.86 5.86
C GLY D 94 -18.51 25.17 5.14
N LEU D 95 -18.84 26.46 5.04
CA LEU D 95 -20.02 26.86 4.26
C LEU D 95 -19.89 26.38 2.83
N LYS D 96 -18.71 26.58 2.23
CA LYS D 96 -18.49 26.12 0.86
C LYS D 96 -18.54 24.60 0.77
N PHE D 97 -17.89 23.94 1.73
CA PHE D 97 -17.90 22.47 1.76
C PHE D 97 -19.32 21.95 1.77
N ARG D 98 -20.17 22.53 2.60
CA ARG D 98 -21.52 22.00 2.74
C ARG D 98 -22.44 22.45 1.63
N GLN D 99 -22.19 23.60 1.01
CA GLN D 99 -22.84 23.91 -0.26
C GLN D 99 -22.56 22.83 -1.30
N LEU D 100 -21.28 22.47 -1.46
CA LEU D 100 -20.92 21.51 -2.49
C LEU D 100 -21.47 20.12 -2.17
N LEU D 101 -21.34 19.69 -0.91
CA LEU D 101 -21.94 18.43 -0.49
C LEU D 101 -23.44 18.41 -0.71
N TRP D 102 -24.14 19.45 -0.28
CA TRP D 102 -25.57 19.52 -0.50
C TRP D 102 -25.90 19.38 -1.98
N PHE D 103 -25.24 20.17 -2.82
CA PHE D 103 -25.51 20.12 -4.24
C PHE D 103 -25.32 18.72 -4.80
N HIS D 104 -24.22 18.07 -4.43
CA HIS D 104 -23.90 16.77 -5.02
C HIS D 104 -24.84 15.69 -4.52
N ILE D 105 -25.04 15.63 -3.20
CA ILE D 105 -25.91 14.63 -2.63
C ILE D 105 -27.33 14.78 -3.17
N SER D 106 -27.78 16.02 -3.36
CA SER D 106 -29.12 16.25 -3.83
C SER D 106 -29.29 15.98 -5.31
N CYS D 107 -28.27 16.26 -6.13
CA CYS D 107 -28.34 15.90 -7.54
C CYS D 107 -28.13 14.42 -7.76
N LEU D 108 -27.59 13.71 -6.76
CA LEU D 108 -27.48 12.27 -6.85
C LEU D 108 -28.79 11.60 -6.44
N THR D 109 -29.35 12.04 -5.32
CA THR D 109 -30.58 11.45 -4.81
C THR D 109 -31.76 11.76 -5.72
N PHE D 110 -31.96 13.03 -6.05
CA PHE D 110 -33.17 13.50 -6.70
C PHE D 110 -32.97 13.77 -8.19
N GLY D 111 -32.02 14.61 -8.53
CA GLY D 111 -31.67 14.85 -9.92
C GLY D 111 -31.36 16.30 -10.20
N ARG D 112 -30.73 16.53 -11.34
CA ARG D 112 -30.29 17.87 -11.72
C ARG D 112 -31.50 18.77 -11.98
N GLU D 113 -32.45 18.29 -12.75
CA GLU D 113 -33.65 19.07 -13.05
C GLU D 113 -34.40 19.40 -11.76
N THR D 114 -34.64 18.38 -10.94
CA THR D 114 -35.36 18.59 -9.70
C THR D 114 -34.64 19.59 -8.81
N VAL D 115 -33.31 19.52 -8.78
CA VAL D 115 -32.57 20.39 -7.87
C VAL D 115 -32.56 21.83 -8.38
N ILE D 116 -32.46 22.02 -9.69
CA ILE D 116 -32.46 23.38 -10.22
C ILE D 116 -33.84 24.00 -10.06
N GLU D 117 -34.89 23.22 -10.35
CA GLU D 117 -36.25 23.69 -10.09
C GLU D 117 -36.42 24.06 -8.63
N TYR D 118 -35.85 23.25 -7.73
CA TYR D 118 -35.93 23.56 -6.31
C TYR D 118 -35.22 24.86 -5.99
N LEU D 119 -34.08 25.09 -6.60
CA LEU D 119 -33.34 26.32 -6.35
C LEU D 119 -34.13 27.53 -6.80
N VAL D 120 -34.71 27.48 -8.00
CA VAL D 120 -35.54 28.57 -8.49
C VAL D 120 -36.72 28.80 -7.53
N SER D 121 -37.45 27.73 -7.23
CA SER D 121 -38.65 27.87 -6.41
C SER D 121 -38.33 28.40 -5.03
N PHE D 122 -37.25 27.92 -4.41
CA PHE D 122 -36.87 28.43 -3.11
C PHE D 122 -36.42 29.88 -3.20
N GLY D 123 -35.77 30.26 -4.30
CA GLY D 123 -35.43 31.67 -4.47
C GLY D 123 -36.68 32.52 -4.52
N VAL D 124 -37.70 32.04 -5.21
CA VAL D 124 -38.98 32.75 -5.22
C VAL D 124 -39.54 32.86 -3.82
N TRP D 125 -39.60 31.74 -3.12
CA TRP D 125 -40.20 31.70 -1.80
C TRP D 125 -39.47 32.59 -0.81
N ILE D 126 -38.17 32.78 -0.99
CA ILE D 126 -37.39 33.55 -0.03
C ILE D 126 -37.31 35.02 -0.41
N ARG D 127 -37.24 35.35 -1.70
CA ARG D 127 -37.33 36.75 -2.11
C ARG D 127 -38.72 37.30 -1.82
N THR D 128 -39.73 36.46 -1.83
CA THR D 128 -41.06 36.89 -1.46
C THR D 128 -41.04 37.45 -0.03
N PRO D 129 -41.59 38.64 0.21
CA PRO D 129 -41.68 39.13 1.58
C PRO D 129 -42.46 38.18 2.45
N PRO D 130 -42.34 38.30 3.76
CA PRO D 130 -42.96 37.31 4.66
C PRO D 130 -44.48 37.32 4.60
N ALA D 131 -45.08 38.50 4.71
CA ALA D 131 -46.54 38.61 4.79
C ALA D 131 -47.23 37.79 3.72
N TYR D 132 -46.58 37.58 2.59
CA TYR D 132 -47.15 36.84 1.47
C TYR D 132 -46.41 35.53 1.23
N ARG D 133 -45.55 35.14 2.15
CA ARG D 133 -44.81 33.91 2.05
C ARG D 133 -45.61 32.78 2.67
N PRO D 134 -45.92 31.70 1.94
CA PRO D 134 -46.53 30.56 2.59
C PRO D 134 -45.56 29.95 3.59
N PRO D 135 -46.08 29.32 4.65
CA PRO D 135 -45.19 28.68 5.62
C PRO D 135 -44.56 27.41 5.09
N ASN D 136 -45.18 26.77 4.10
CA ASN D 136 -44.69 25.51 3.57
C ASN D 136 -43.68 25.81 2.47
N ALA D 137 -42.45 26.07 2.89
CA ALA D 137 -41.36 26.23 1.95
C ALA D 137 -41.23 24.99 1.10
N PRO D 138 -40.52 25.09 -0.01
CA PRO D 138 -40.23 23.87 -0.79
C PRO D 138 -39.24 23.00 -0.06
N ILE D 139 -39.60 21.74 0.12
CA ILE D 139 -38.68 20.72 0.62
C ILE D 139 -38.53 19.68 -0.48
N LEU D 140 -37.31 19.19 -0.65
CA LEU D 140 -37.03 18.14 -1.62
C LEU D 140 -37.41 16.79 -1.04
N SER D 141 -38.19 16.02 -1.81
CA SER D 141 -38.75 14.78 -1.29
C SER D 141 -38.91 13.76 -2.40
N THR D 142 -38.68 12.50 -2.06
CA THR D 142 -39.00 11.36 -2.92
C THR D 142 -40.34 10.74 -2.58
N LEU D 143 -41.08 11.34 -1.64
CA LEU D 143 -42.33 10.80 -1.16
C LEU D 143 -43.33 11.96 -1.06
N UNK E 1 4.38 28.14 20.01
CA UNK E 1 3.90 29.50 20.23
C UNK E 1 3.40 30.11 18.93
N UNK E 2 2.37 30.95 19.03
CA UNK E 2 1.80 31.61 17.86
C UNK E 2 1.14 32.91 18.31
N UNK E 3 1.82 34.02 18.11
CA UNK E 3 1.28 35.31 18.53
C UNK E 3 -0.01 35.61 17.76
N UNK E 4 -1.17 35.52 18.41
CA UNK E 4 -2.47 35.75 17.77
C UNK E 4 -2.67 37.21 17.37
#